data_4WVT
#
_entry.id   4WVT
#
_cell.length_a   33.200
_cell.length_b   38.530
_cell.length_c   56.770
_cell.angle_alpha   90.00
_cell.angle_beta   89.83
_cell.angle_gamma   90.00
#
_symmetry.space_group_name_H-M   'P 1 21 1'
#
loop_
_entity.id
_entity.type
_entity.pdbx_description
1 polymer 'E3 ubiquitin-protein ligase XIAP'
2 polymer 3,11-DIFLUORO-6,8,13-TRIMETHYL-8H-QUINO[4,3,2-KL]ACRIDIN-13-IUM
3 non-polymer 'ZINC ION'
4 water water
#
loop_
_entity_poly.entity_id
_entity_poly.type
_entity_poly.pdbx_seq_one_letter_code
_entity_poly.pdbx_strand_id
1 'polypeptide(L)'
;MGSSHHHHHHSSGETVRFQGHMRNPAMYSEEARLKSFQNWPDYAHLTPRELASAGLYYTGIGDQVQCFACGGKLKNWEPG
DRAWSEHRRHFPNCFFVL
;
A,B
2 'polypeptide(L)' (MAA)FPFF(3V7) C,D
#
loop_
_chem_comp.id
_chem_comp.type
_chem_comp.name
_chem_comp.formula
3V7 non-polymer 3-[4-(hydroxymethyl)-1H-1,2,3-triazol-1-yl]propan-1-ol 'C6 H11 N3 O2'
ZN non-polymer 'ZINC ION' 'Zn 2'
#
# COMPACT_ATOMS: atom_id res chain seq x y z
N GLY A 20 -13.99 -18.79 -16.93
CA GLY A 20 -15.37 -19.24 -17.09
C GLY A 20 -16.26 -18.96 -15.91
N HIS A 21 -16.97 -17.80 -15.89
CA HIS A 21 -16.90 -16.72 -16.89
C HIS A 21 -15.82 -15.73 -16.46
N MET A 22 -15.78 -15.43 -15.16
CA MET A 22 -14.85 -14.53 -14.49
C MET A 22 -13.76 -15.41 -13.81
N ARG A 23 -12.45 -15.08 -13.91
CA ARG A 23 -11.41 -15.93 -13.27
C ARG A 23 -11.31 -15.71 -11.76
N ASN A 24 -11.38 -14.45 -11.32
CA ASN A 24 -11.32 -14.15 -9.89
C ASN A 24 -12.50 -13.26 -9.43
N PRO A 25 -13.66 -13.89 -9.09
CA PRO A 25 -14.85 -13.13 -8.63
C PRO A 25 -14.63 -12.26 -7.39
N ALA A 26 -13.64 -12.59 -6.54
CA ALA A 26 -13.36 -11.80 -5.33
C ALA A 26 -12.70 -10.48 -5.71
N MET A 27 -12.25 -10.36 -6.96
CA MET A 27 -11.61 -9.11 -7.37
C MET A 27 -12.47 -8.39 -8.38
N TYR A 28 -13.76 -8.75 -8.39
CA TYR A 28 -14.75 -8.13 -9.27
C TYR A 28 -15.00 -6.67 -8.86
N SER A 29 -15.03 -6.42 -7.56
CA SER A 29 -15.23 -5.07 -7.04
C SER A 29 -13.99 -4.22 -7.28
N GLU A 30 -14.19 -2.97 -7.78
CA GLU A 30 -13.08 -2.04 -7.99
C GLU A 30 -12.42 -1.70 -6.65
N GLU A 31 -13.23 -1.59 -5.60
CA GLU A 31 -12.73 -1.32 -4.26
C GLU A 31 -11.80 -2.47 -3.79
N ALA A 32 -12.15 -3.74 -4.10
CA ALA A 32 -11.29 -4.86 -3.69
C ALA A 32 -9.99 -4.83 -4.48
N ARG A 33 -10.03 -4.37 -5.79
CA ARG A 33 -8.79 -4.29 -6.56
C ARG A 33 -7.89 -3.21 -5.98
N LEU A 34 -8.47 -2.05 -5.60
CA LEU A 34 -7.74 -0.93 -5.01
C LEU A 34 -7.09 -1.33 -3.72
N LYS A 35 -7.83 -2.04 -2.86
CA LYS A 35 -7.34 -2.53 -1.55
C LYS A 35 -6.13 -3.43 -1.66
N SER A 36 -5.99 -4.16 -2.77
CA SER A 36 -4.87 -5.06 -2.99
C SER A 36 -3.53 -4.31 -3.17
N PHE A 37 -3.58 -3.06 -3.62
CA PHE A 37 -2.39 -2.27 -3.88
C PHE A 37 -1.78 -1.66 -2.60
N GLN A 38 -1.38 -2.53 -1.67
CA GLN A 38 -0.64 -2.20 -0.47
C GLN A 38 0.79 -2.62 -0.82
N ASN A 39 1.80 -1.84 -0.37
CA ASN A 39 3.23 -2.09 -0.66
C ASN A 39 3.49 -2.06 -2.17
N TRP A 40 2.73 -1.23 -2.91
CA TRP A 40 2.91 -1.13 -4.36
C TRP A 40 4.19 -0.30 -4.62
N PRO A 41 5.17 -0.80 -5.40
CA PRO A 41 6.46 -0.06 -5.51
C PRO A 41 6.37 1.30 -6.20
N ASP A 42 7.14 2.27 -5.68
CA ASP A 42 7.23 3.63 -6.22
C ASP A 42 7.87 3.66 -7.60
N TYR A 43 8.68 2.62 -7.92
CA TYR A 43 9.35 2.53 -9.23
C TYR A 43 8.40 2.18 -10.38
N ALA A 44 7.18 1.67 -10.12
CA ALA A 44 6.25 1.22 -11.17
C ALA A 44 5.76 2.32 -12.17
N HIS A 45 5.59 3.59 -11.73
CA HIS A 45 5.18 4.74 -12.57
C HIS A 45 3.73 4.64 -13.16
N LEU A 46 2.90 3.67 -12.67
CA LEU A 46 1.48 3.52 -12.97
C LEU A 46 0.81 3.46 -11.61
N THR A 47 -0.27 4.19 -11.44
CA THR A 47 -0.98 4.25 -10.17
C THR A 47 -1.95 3.05 -9.97
N PRO A 48 -2.22 2.69 -8.68
CA PRO A 48 -3.23 1.67 -8.39
C PRO A 48 -4.61 2.00 -9.00
N ARG A 49 -5.06 3.29 -8.94
CA ARG A 49 -6.34 3.71 -9.48
C ARG A 49 -6.43 3.48 -11.00
N GLU A 50 -5.34 3.73 -11.74
CA GLU A 50 -5.38 3.44 -13.18
C GLU A 50 -5.47 1.93 -13.42
N LEU A 51 -4.63 1.15 -12.74
CA LEU A 51 -4.61 -0.30 -12.88
C LEU A 51 -5.92 -0.97 -12.50
N ALA A 52 -6.52 -0.56 -11.36
CA ALA A 52 -7.78 -1.13 -10.89
C ALA A 52 -8.97 -0.81 -11.84
N SER A 53 -8.95 0.40 -12.46
CA SER A 53 -10.00 0.82 -13.40
CA SER A 53 -10.00 0.81 -13.39
C SER A 53 -9.92 -0.05 -14.66
N ALA A 54 -8.73 -0.60 -14.96
CA ALA A 54 -8.57 -1.47 -16.14
C ALA A 54 -8.80 -2.95 -15.75
N GLY A 55 -9.37 -3.17 -14.57
CA GLY A 55 -9.70 -4.52 -14.08
C GLY A 55 -8.57 -5.29 -13.44
N LEU A 56 -7.42 -4.62 -13.19
CA LEU A 56 -6.23 -5.30 -12.64
C LEU A 56 -6.06 -5.11 -11.13
N TYR A 57 -5.63 -6.17 -10.44
CA TYR A 57 -5.37 -6.07 -9.01
C TYR A 57 -3.92 -6.49 -8.76
N TYR A 58 -3.40 -6.09 -7.59
CA TYR A 58 -2.03 -6.38 -7.19
C TYR A 58 -1.91 -7.76 -6.61
N THR A 59 -0.85 -8.49 -7.03
CA THR A 59 -0.51 -9.83 -6.52
C THR A 59 0.45 -9.72 -5.33
N GLY A 60 0.92 -8.51 -5.03
CA GLY A 60 1.84 -8.30 -3.93
C GLY A 60 3.32 -8.52 -4.24
N ILE A 61 3.64 -8.88 -5.51
CA ILE A 61 4.97 -9.17 -6.03
C ILE A 61 5.40 -8.14 -7.12
N GLY A 62 6.54 -7.50 -6.90
CA GLY A 62 7.11 -6.52 -7.84
C GLY A 62 6.07 -5.53 -8.32
N ASP A 63 5.89 -5.40 -9.64
CA ASP A 63 4.86 -4.55 -10.24
C ASP A 63 3.85 -5.45 -10.99
N GLN A 64 3.72 -6.72 -10.56
CA GLN A 64 2.90 -7.74 -11.20
C GLN A 64 1.49 -7.68 -10.77
N VAL A 65 0.62 -7.51 -11.73
CA VAL A 65 -0.82 -7.39 -11.55
C VAL A 65 -1.54 -8.47 -12.39
N GLN A 66 -2.82 -8.67 -12.12
CA GLN A 66 -3.60 -9.67 -12.83
C GLN A 66 -5.02 -9.18 -13.05
N CYS A 67 -5.63 -9.65 -14.12
CA CYS A 67 -7.02 -9.29 -14.43
C CYS A 67 -8.01 -10.23 -13.72
N PHE A 68 -9.03 -9.66 -13.07
CA PHE A 68 -10.07 -10.48 -12.38
C PHE A 68 -10.93 -11.23 -13.40
N ALA A 69 -11.13 -10.64 -14.60
CA ALA A 69 -11.97 -11.18 -15.65
C ALA A 69 -11.31 -12.26 -16.50
N CYS A 70 -10.19 -11.95 -17.18
CA CYS A 70 -9.51 -12.90 -18.08
C CYS A 70 -8.36 -13.69 -17.43
N GLY A 71 -7.94 -13.29 -16.24
CA GLY A 71 -6.85 -13.98 -15.55
C GLY A 71 -5.47 -13.62 -16.09
N GLY A 72 -5.42 -12.71 -17.10
CA GLY A 72 -4.17 -12.28 -17.70
C GLY A 72 -3.30 -11.57 -16.68
N LYS A 73 -1.96 -11.77 -16.74
CA LYS A 73 -0.99 -11.16 -15.80
C LYS A 73 -0.07 -10.22 -16.58
N LEU A 74 0.25 -9.11 -15.98
CA LEU A 74 1.09 -8.07 -16.62
C LEU A 74 2.13 -7.57 -15.66
N LYS A 75 3.37 -7.50 -16.16
CA LYS A 75 4.49 -7.09 -15.35
C LYS A 75 5.44 -6.14 -16.14
N ASN A 76 6.48 -5.59 -15.48
CA ASN A 76 7.47 -4.71 -16.13
C ASN A 76 6.78 -3.51 -16.82
N TRP A 77 5.98 -2.79 -16.03
CA TRP A 77 5.28 -1.60 -16.47
C TRP A 77 6.34 -0.57 -16.70
N GLU A 78 6.16 0.22 -17.75
CA GLU A 78 7.10 1.25 -18.12
C GLU A 78 6.40 2.58 -18.19
N PRO A 79 7.12 3.67 -17.86
CA PRO A 79 6.53 5.01 -18.04
C PRO A 79 6.02 5.12 -19.47
N GLY A 80 4.83 5.70 -19.61
CA GLY A 80 4.19 5.83 -20.91
C GLY A 80 3.10 4.81 -21.09
N ASP A 81 3.21 3.62 -20.45
CA ASP A 81 2.15 2.61 -20.57
C ASP A 81 0.82 3.12 -20.03
N ARG A 82 -0.25 2.75 -20.70
CA ARG A 82 -1.63 3.01 -20.26
C ARG A 82 -2.16 1.63 -19.85
N ALA A 83 -2.72 1.52 -18.64
CA ALA A 83 -3.23 0.24 -18.15
C ALA A 83 -4.26 -0.41 -19.07
N TRP A 84 -5.24 0.36 -19.57
CA TRP A 84 -6.29 -0.12 -20.49
C TRP A 84 -5.69 -0.64 -21.81
N SER A 85 -4.79 0.16 -22.45
CA SER A 85 -4.17 -0.17 -23.75
C SER A 85 -3.30 -1.44 -23.67
N GLU A 86 -2.48 -1.57 -22.63
CA GLU A 86 -1.62 -2.74 -22.43
C GLU A 86 -2.45 -4.02 -22.19
N HIS A 87 -3.49 -3.90 -21.34
CA HIS A 87 -4.43 -5.00 -21.04
C HIS A 87 -5.10 -5.47 -22.36
N ARG A 88 -5.72 -4.56 -23.09
CA ARG A 88 -6.39 -4.82 -24.37
C ARG A 88 -5.52 -5.51 -25.40
N ARG A 89 -4.31 -4.93 -25.67
CA ARG A 89 -3.32 -5.35 -26.65
C ARG A 89 -2.82 -6.77 -26.38
N HIS A 90 -2.53 -7.09 -25.12
CA HIS A 90 -1.96 -8.41 -24.81
C HIS A 90 -2.99 -9.44 -24.52
N PHE A 91 -4.23 -9.03 -24.15
CA PHE A 91 -5.33 -9.96 -23.87
C PHE A 91 -6.53 -9.54 -24.70
N PRO A 92 -6.48 -9.80 -26.04
CA PRO A 92 -7.58 -9.33 -26.92
C PRO A 92 -8.93 -10.04 -26.72
N ASN A 93 -8.94 -11.22 -26.06
CA ASN A 93 -10.18 -11.94 -25.79
C ASN A 93 -10.81 -11.49 -24.48
N CYS A 94 -10.10 -10.67 -23.63
CA CYS A 94 -10.69 -10.23 -22.35
C CYS A 94 -11.99 -9.48 -22.54
N PHE A 95 -13.09 -9.96 -21.94
CA PHE A 95 -14.39 -9.26 -22.06
C PHE A 95 -14.42 -7.91 -21.32
N PHE A 96 -13.55 -7.74 -20.32
CA PHE A 96 -13.58 -6.52 -19.54
C PHE A 96 -13.12 -5.27 -20.33
N VAL A 97 -12.03 -5.40 -21.10
CA VAL A 97 -11.49 -4.27 -21.86
C VAL A 97 -11.87 -4.31 -23.35
N LEU A 98 -12.74 -5.24 -23.73
CA LEU A 98 -13.21 -5.37 -25.09
C LEU A 98 -13.89 -4.08 -25.57
N GLY B 20 15.25 8.98 1.56
CA GLY B 20 16.65 9.14 1.21
C GLY B 20 17.39 10.16 2.06
N HIS B 21 18.02 9.75 3.19
CA HIS B 21 18.03 8.38 3.73
C HIS B 21 16.85 8.24 4.71
N MET B 22 16.65 9.27 5.53
CA MET B 22 15.61 9.40 6.52
C MET B 22 14.52 10.32 5.91
N ARG B 23 13.21 10.00 6.00
CA ARG B 23 12.16 10.87 5.41
C ARG B 23 11.90 12.12 6.24
N ASN B 24 11.82 11.97 7.56
CA ASN B 24 11.58 13.11 8.43
C ASN B 24 12.63 13.23 9.56
N PRO B 25 13.80 13.89 9.26
CA PRO B 25 14.86 14.07 10.27
C PRO B 25 14.44 14.80 11.56
N ALA B 26 13.39 15.63 11.50
CA ALA B 26 12.92 16.35 12.68
C ALA B 26 12.20 15.39 13.64
N MET B 27 11.88 14.17 13.17
CA MET B 27 11.21 13.20 14.04
C MET B 27 12.12 12.05 14.36
N TYR B 28 13.43 12.30 14.19
CA TYR B 28 14.47 11.31 14.47
C TYR B 28 14.55 11.07 15.99
N SER B 29 14.40 12.12 16.77
CA SER B 29 14.43 12.05 18.22
C SER B 29 13.19 11.35 18.76
N GLU B 30 13.37 10.36 19.67
CA GLU B 30 12.24 9.69 20.30
C GLU B 30 11.39 10.69 21.09
N GLU B 31 12.07 11.66 21.74
CA GLU B 31 11.39 12.72 22.48
C GLU B 31 10.49 13.55 21.54
N ALA B 32 10.97 13.85 20.30
CA ALA B 32 10.17 14.63 19.34
C ALA B 32 8.96 13.82 18.89
N ARG B 33 9.12 12.46 18.79
CA ARG B 33 7.96 11.64 18.40
C ARG B 33 6.92 11.61 19.52
N LEU B 34 7.36 11.51 20.77
CA LEU B 34 6.50 11.48 21.94
C LEU B 34 5.72 12.78 22.07
N LYS B 35 6.40 13.92 21.87
CA LYS B 35 5.79 15.25 21.93
C LYS B 35 4.68 15.47 20.93
N SER B 36 4.74 14.77 19.78
CA SER B 36 3.72 14.88 18.75
C SER B 36 2.34 14.29 19.19
N PHE B 37 2.37 13.36 20.13
CA PHE B 37 1.15 12.69 20.61
C PHE B 37 0.36 13.54 21.63
N GLN B 38 -0.09 14.72 21.19
CA GLN B 38 -0.99 15.61 21.94
C GLN B 38 -2.33 15.37 21.25
N ASN B 39 -3.44 15.36 22.02
CA ASN B 39 -4.82 15.10 21.54
C ASN B 39 -4.87 13.71 20.86
N TRP B 40 -4.10 12.74 21.37
CA TRP B 40 -4.12 11.40 20.80
C TRP B 40 -5.42 10.72 21.30
N PRO B 41 -6.27 10.16 20.41
CA PRO B 41 -7.57 9.64 20.88
C PRO B 41 -7.51 8.44 21.82
N ASP B 42 -8.40 8.43 22.83
CA ASP B 42 -8.49 7.34 23.80
C ASP B 42 -9.01 6.05 23.18
N TYR B 43 -9.69 6.16 22.02
CA TYR B 43 -10.20 4.98 21.31
C TYR B 43 -9.10 4.16 20.62
N ALA B 44 -7.88 4.70 20.41
CA ALA B 44 -6.81 4.01 19.66
C ALA B 44 -6.28 2.68 20.28
N HIS B 45 -6.26 2.55 21.62
CA HIS B 45 -5.82 1.34 22.36
C HIS B 45 -4.31 0.95 22.19
N LEU B 46 -3.49 1.85 21.60
CA LEU B 46 -2.02 1.74 21.50
C LEU B 46 -1.51 3.05 22.10
N THR B 47 -0.52 2.96 22.96
CA THR B 47 0.03 4.11 23.64
C THR B 47 1.06 4.89 22.78
N PRO B 48 1.20 6.22 23.03
CA PRO B 48 2.24 6.99 22.35
C PRO B 48 3.66 6.42 22.55
N ARG B 49 3.99 5.95 23.78
CA ARG B 49 5.30 5.35 24.06
C ARG B 49 5.57 4.10 23.20
N GLU B 50 4.57 3.25 22.99
CA GLU B 50 4.79 2.08 22.12
C GLU B 50 5.02 2.53 20.68
N LEU B 51 4.14 3.41 20.15
CA LEU B 51 4.28 3.92 18.79
C LEU B 51 5.61 4.62 18.54
N ALA B 52 6.01 5.56 19.43
CA ALA B 52 7.24 6.30 19.28
C ALA B 52 8.50 5.40 19.31
N SER B 53 8.47 4.31 20.12
CA SER B 53 9.57 3.36 20.21
C SER B 53 9.72 2.62 18.88
N ALA B 54 8.61 2.48 18.13
CA ALA B 54 8.65 1.81 16.83
C ALA B 54 8.94 2.82 15.69
N GLY B 55 9.41 4.01 16.07
CA GLY B 55 9.76 5.05 15.11
C GLY B 55 8.61 5.87 14.56
N LEU B 56 7.41 5.73 15.12
CA LEU B 56 6.19 6.42 14.63
C LEU B 56 5.84 7.68 15.40
N TYR B 57 5.39 8.72 14.70
CA TYR B 57 4.96 9.96 15.36
C TYR B 57 3.54 10.26 14.92
N TYR B 58 2.82 11.08 15.73
CA TYR B 58 1.42 11.45 15.45
C TYR B 58 1.37 12.57 14.42
N THR B 59 0.43 12.46 13.48
CA THR B 59 0.16 13.47 12.44
C THR B 59 -0.94 14.44 12.94
N GLY B 60 -1.53 14.16 14.10
CA GLY B 60 -2.58 15.00 14.66
C GLY B 60 -3.98 14.71 14.16
N ILE B 61 -4.13 13.68 13.28
CA ILE B 61 -5.36 13.25 12.65
C ILE B 61 -5.75 11.80 13.07
N GLY B 62 -6.94 11.64 13.63
CA GLY B 62 -7.48 10.33 14.02
C GLY B 62 -6.48 9.52 14.82
N ASP B 63 -6.17 8.29 14.40
CA ASP B 63 -5.13 7.46 15.03
C ASP B 63 -3.96 7.25 14.02
N GLN B 64 -3.81 8.20 13.08
CA GLN B 64 -2.84 8.12 11.99
C GLN B 64 -1.50 8.59 12.38
N VAL B 65 -0.54 7.71 12.22
CA VAL B 65 0.87 7.92 12.57
C VAL B 65 1.76 7.68 11.34
N GLN B 66 3.01 8.10 11.42
CA GLN B 66 3.95 7.97 10.31
C GLN B 66 5.33 7.66 10.81
N CYS B 67 6.10 6.94 10.01
CA CYS B 67 7.48 6.60 10.36
C CYS B 67 8.47 7.72 9.93
N PHE B 68 9.35 8.13 10.83
CA PHE B 68 10.35 9.18 10.52
C PHE B 68 11.39 8.66 9.49
N ALA B 69 11.67 7.34 9.54
CA ALA B 69 12.68 6.70 8.69
C ALA B 69 12.18 6.35 7.29
N CYS B 70 11.13 5.52 7.16
CA CYS B 70 10.65 5.07 5.85
C CYS B 70 9.50 5.93 5.27
N GLY B 71 8.89 6.78 6.10
CA GLY B 71 7.78 7.61 5.65
C GLY B 71 6.45 6.87 5.58
N GLY B 72 6.46 5.58 5.96
CA GLY B 72 5.25 4.75 5.99
C GLY B 72 4.23 5.31 6.96
N LYS B 73 2.93 5.27 6.62
CA LYS B 73 1.82 5.78 7.45
C LYS B 73 0.93 4.60 7.83
N LEU B 74 0.43 4.60 9.04
CA LEU B 74 -0.41 3.53 9.60
C LEU B 74 -1.60 4.11 10.34
N LYS B 75 -2.78 3.55 10.10
CA LYS B 75 -3.98 4.03 10.73
C LYS B 75 -4.87 2.82 11.09
N ASN B 76 -6.06 3.08 11.70
CA ASN B 76 -7.04 2.04 12.09
C ASN B 76 -6.36 0.96 12.95
N TRP B 77 -5.70 1.40 14.01
CA TRP B 77 -5.04 0.54 14.99
C TRP B 77 -6.14 -0.18 15.70
N GLU B 78 -5.90 -1.44 15.99
CA GLU B 78 -6.84 -2.30 16.66
C GLU B 78 -6.23 -2.88 17.91
N PRO B 79 -7.06 -3.09 18.96
CA PRO B 79 -6.55 -3.77 20.15
C PRO B 79 -5.88 -5.07 19.72
N GLY B 80 -4.73 -5.36 20.33
CA GLY B 80 -3.94 -6.52 19.99
C GLY B 80 -2.77 -6.18 19.10
N ASP B 81 -2.88 -5.11 18.28
CA ASP B 81 -1.75 -4.72 17.40
C ASP B 81 -0.53 -4.37 18.24
N ARG B 82 0.64 -4.74 17.73
CA ARG B 82 1.93 -4.35 18.33
C ARG B 82 2.51 -3.35 17.30
N ALA B 83 2.93 -2.16 17.79
CA ALA B 83 3.46 -1.11 16.90
C ALA B 83 4.64 -1.60 16.04
N TRP B 84 5.61 -2.30 16.62
CA TRP B 84 6.80 -2.85 15.94
C TRP B 84 6.39 -3.86 14.85
N SER B 85 5.53 -4.84 15.18
CA SER B 85 5.08 -5.90 14.26
C SER B 85 4.31 -5.35 13.05
N GLU B 86 3.39 -4.43 13.29
CA GLU B 86 2.59 -3.81 12.22
C GLU B 86 3.48 -2.97 11.28
N HIS B 87 4.41 -2.19 11.86
CA HIS B 87 5.38 -1.38 11.11
C HIS B 87 6.23 -2.30 10.20
N ARG B 88 6.87 -3.32 10.78
CA ARG B 88 7.70 -4.28 10.09
C ARG B 88 7.01 -4.99 8.92
N ARG B 89 5.82 -5.57 9.19
CA ARG B 89 4.97 -6.34 8.27
C ARG B 89 4.52 -5.48 7.07
N HIS B 90 4.11 -4.23 7.30
CA HIS B 90 3.61 -3.39 6.20
C HIS B 90 4.69 -2.63 5.46
N PHE B 91 5.83 -2.41 6.14
CA PHE B 91 6.95 -1.68 5.56
C PHE B 91 8.21 -2.53 5.71
N PRO B 92 8.33 -3.63 4.91
CA PRO B 92 9.49 -4.54 5.07
C PRO B 92 10.84 -3.95 4.66
N ASN B 93 10.87 -2.85 3.90
CA ASN B 93 12.11 -2.21 3.50
C ASN B 93 12.58 -1.21 4.54
N CYS B 94 11.72 -0.82 5.54
CA CYS B 94 12.12 0.16 6.55
C CYS B 94 13.37 -0.25 7.31
N PHE B 95 14.41 0.57 7.27
CA PHE B 95 15.67 0.26 7.99
C PHE B 95 15.51 0.35 9.52
N PHE B 96 14.54 1.10 10.01
CA PHE B 96 14.39 1.29 11.43
C PHE B 96 13.93 0.01 12.15
N VAL B 97 12.95 -0.71 11.59
CA VAL B 97 12.41 -1.92 12.24
C VAL B 97 12.97 -3.22 11.62
N LEU B 98 13.94 -3.10 10.72
CA LEU B 98 14.57 -4.23 10.07
C LEU B 98 15.21 -5.15 11.12
N MAA C 1 4.28 -2.78 -20.85
CM MAA C 1 5.59 -2.62 -21.48
CA MAA C 1 4.14 -3.92 -19.95
CB MAA C 1 2.82 -3.88 -19.19
C MAA C 1 4.28 -5.24 -20.69
O MAA C 1 3.92 -5.34 -21.86
H MAA C 1 4.00 -1.93 -20.38
HM1 MAA C 1 6.34 -2.51 -20.70
HM2 MAA C 1 5.93 -3.43 -22.13
HM3 MAA C 1 5.60 -1.71 -22.07
HA MAA C 1 4.94 -3.82 -19.22
HB1 MAA C 1 2.94 -3.99 -18.12
HB2 MAA C 1 2.26 -2.96 -19.37
HB3 MAA C 1 2.16 -4.69 -19.51
N PHE C 2 4.72 -6.27 -19.96
CA PHE C 2 4.99 -7.58 -20.51
C PHE C 2 3.90 -8.55 -20.03
N PRO C 3 3.21 -9.30 -20.92
CA PRO C 3 2.24 -10.28 -20.41
C PRO C 3 2.97 -11.57 -20.01
N PHE C 4 2.43 -12.28 -19.03
CA PHE C 4 3.06 -13.50 -18.53
C PHE C 4 2.01 -14.38 -17.86
N PHE C 5 2.41 -15.58 -17.49
CA PHE C 5 1.52 -16.52 -16.83
C PHE C 5 2.27 -17.31 -15.77
C11 3V7 C 6 7.99 -15.30 -22.66
C12 3V7 C 6 7.21 -16.41 -22.84
O1 3V7 C 6 4.51 -19.70 -21.49
C7 3V7 C 6 5.83 -20.22 -21.31
C8 3V7 C 6 6.62 -18.96 -21.36
C9 3V7 C 6 7.64 -18.84 -22.47
N1 3V7 C 6 8.04 -17.44 -22.65
N2 3V7 C 6 9.29 -17.02 -22.39
N3 3V7 C 6 9.25 -15.72 -22.38
O8 3V7 C 6 7.43 -13.41 -21.49
C36 3V7 C 6 7.65 -13.86 -22.82
H13 3V7 C 6 6.15 -16.48 -23.03
H6 3V7 C 6 6.01 -20.74 -20.37
H5 3V7 C 6 6.07 -20.92 -22.11
H7 3V7 C 6 7.10 -18.78 -20.40
H8 3V7 C 6 5.93 -18.12 -21.47
H10 3V7 C 6 7.26 -19.22 -23.42
H9 3V7 C 6 8.51 -19.47 -22.27
H44 3V7 C 6 8.49 -13.32 -23.23
H45 3V7 C 6 6.80 -13.73 -23.49
N MAA D 1 -3.43 -2.81 12.20
CM MAA D 1 -4.67 -3.53 11.92
CA MAA D 1 -3.34 -1.48 11.57
CB MAA D 1 -2.10 -0.73 12.08
C MAA D 1 -3.28 -1.59 10.05
O MAA D 1 -2.79 -2.57 9.50
H MAA D 1 -3.28 -2.73 13.20
HM1 MAA D 1 -5.52 -2.93 12.27
HM2 MAA D 1 -4.87 -3.79 10.89
HM3 MAA D 1 -4.69 -4.46 12.49
HA MAA D 1 -4.22 -0.93 11.87
HB1 MAA D 1 -2.35 0.28 12.42
HB2 MAA D 1 -1.59 -1.25 12.88
HB3 MAA D 1 -1.36 -0.61 11.29
N PHE D 2 -3.73 -0.53 9.38
CA PHE D 2 -3.83 -0.48 7.93
C PHE D 2 -2.74 0.47 7.39
N PRO D 3 -1.90 0.04 6.43
CA PRO D 3 -0.93 1.00 5.87
C PRO D 3 -1.61 1.86 4.81
N PHE D 4 -1.13 3.10 4.65
CA PHE D 4 -1.72 4.02 3.69
C PHE D 4 -0.70 5.08 3.29
N PHE D 5 -1.06 5.91 2.31
CA PHE D 5 -0.19 6.99 1.86
C PHE D 5 -1.04 8.19 1.51
C11 3V7 D 6 -5.97 0.75 -0.26
C12 3V7 D 6 -5.09 1.14 -1.23
O1 3V7 D 6 -2.22 3.91 -3.38
C7 3V7 D 6 -3.51 4.13 -3.91
C8 3V7 D 6 -4.01 2.91 -3.22
C9 3V7 D 6 -5.45 2.57 -3.29
N1 3V7 D 6 -5.86 1.73 -2.17
N2 3V7 D 6 -7.15 1.68 -1.82
N3 3V7 D 6 -7.21 1.11 -0.65
O8 3V7 D 6 -5.70 1.02 1.98
C36 3V7 D 6 -5.72 0.01 1.01
H13 3V7 D 6 -4.01 1.03 -1.26
H6 3V7 D 6 -3.45 4.12 -5.00
H5 3V7 D 6 -4.01 5.04 -3.56
H7 3V7 D 6 -3.44 2.05 -3.57
H8 3V7 D 6 -3.75 3.05 -2.17
H10 3V7 D 6 -6.02 3.49 -3.19
H9 3V7 D 6 -5.79 2.11 -4.23
H44 3V7 D 6 -6.55 -0.66 1.21
H45 3V7 D 6 -4.83 -0.60 0.92
ZN ZN E . -8.51 -9.11 -18.70
ZN ZN F . 9.45 2.80 8.87
#